data_5R4R
#
_entry.id   5R4R
#
_cell.length_a   59.090
_cell.length_b   59.090
_cell.length_c   212.840
_cell.angle_alpha   90.000
_cell.angle_beta   90.000
_cell.angle_gamma   120.000
#
_symmetry.space_group_name_H-M   'P 32 2 1'
#
loop_
_entity.id
_entity.type
_entity.pdbx_description
1 polymer 'Cleavage and polyadenylation specificity factor subunit 5'
2 non-polymer 'ZINC ION'
3 non-polymer 'ACETATE ION'
4 non-polymer (5R)-3,3,5-trimethyl-5-[(1-phenyl-1H-1,2,3-triazol-4-yl)methyl]pyrrolidine-2,4-dione
5 water water
#
_entity_poly.entity_id   1
_entity_poly.type   'polypeptide(L)'
_entity_poly.pdbx_seq_one_letter_code
;SMLERTINLYPLTNYTFGTKEPLYEKDSSVAARFQRMREEFDKIGMRRTVEGVLIVHEHRLPHVLLLQLGTTFFKLPGGE
LNPGEDEVEGLKRLMTEILGRQDGVLQDWVIDDCIGNWWRPNFEPPQYPYIPAHITKPKEHKKLFLVQLQEKALFAVPKN
YKLVAAPLFELYDNAPGYGPIISSLPQLLSRFNFIYN
;
_entity_poly.pdbx_strand_id   A,B
#
loop_
_chem_comp.id
_chem_comp.type
_chem_comp.name
_chem_comp.formula
ACT non-polymer 'ACETATE ION' 'C2 H3 O2 -1'
RWA non-polymer (5R)-3,3,5-trimethyl-5-[(1-phenyl-1H-1,2,3-triazol-4-yl)methyl]pyrrolidine-2,4-dione 'C16 H18 N4 O2'
ZN non-polymer 'ZINC ION' 'Zn 2'
#
# COMPACT_ATOMS: atom_id res chain seq x y z
N SER A 1 11.84 41.44 20.61
CA SER A 1 13.12 41.10 19.91
C SER A 1 13.44 39.62 20.02
N MET A 2 12.81 38.92 20.98
CA MET A 2 12.60 37.46 20.94
C MET A 2 11.51 37.19 19.89
N LEU A 3 11.93 36.88 18.65
CA LEU A 3 11.03 36.57 17.50
C LEU A 3 11.12 35.09 17.12
N GLU A 4 11.90 34.31 17.88
CA GLU A 4 12.15 32.87 17.61
C GLU A 4 11.05 32.01 18.24
N ARG A 5 10.65 30.99 17.51
CA ARG A 5 9.84 29.86 18.01
C ARG A 5 10.64 29.04 19.01
N THR A 6 10.07 28.73 20.17
CA THR A 6 10.69 27.93 21.24
C THR A 6 10.24 26.48 21.04
N ILE A 7 11.19 25.56 21.01
CA ILE A 7 10.92 24.11 20.78
C ILE A 7 11.54 23.33 21.92
N ASN A 8 10.74 22.49 22.55
CA ASN A 8 11.33 21.60 23.59
C ASN A 8 12.00 20.39 22.96
N LEU A 9 13.25 20.13 23.34
CA LEU A 9 13.97 18.87 23.02
C LEU A 9 14.15 18.03 24.26
N TYR A 10 14.17 16.72 24.05
CA TYR A 10 14.37 15.75 25.15
C TYR A 10 15.52 14.85 24.78
N PRO A 11 16.16 14.21 25.80
CA PRO A 11 17.26 13.31 25.54
C PRO A 11 16.81 12.11 24.70
N LEU A 12 17.68 11.69 23.80
CA LEU A 12 17.48 10.49 22.97
C LEU A 12 17.16 9.28 23.85
N THR A 13 17.81 9.18 25.03
CA THR A 13 17.55 8.10 26.00
C THR A 13 16.11 8.14 26.56
N ASN A 14 15.33 9.21 26.37
CA ASN A 14 13.92 9.27 26.78
C ASN A 14 13.03 8.45 25.83
N TYR A 15 13.53 8.05 24.66
CA TYR A 15 12.69 7.42 23.62
C TYR A 15 13.01 5.92 23.56
N THR A 16 12.00 5.08 23.34
CA THR A 16 12.19 3.61 23.13
C THR A 16 11.99 3.30 21.65
N PHE A 17 12.98 2.71 20.99
CA PHE A 17 12.93 2.28 19.57
C PHE A 17 12.75 0.76 19.55
N GLY A 18 11.49 0.34 19.41
CA GLY A 18 11.13 -1.07 19.19
C GLY A 18 11.24 -1.43 17.72
N THR A 19 10.77 -2.62 17.35
CA THR A 19 10.86 -3.15 15.97
C THR A 19 9.46 -3.57 15.51
N LYS A 20 9.25 -3.58 14.20
CA LYS A 20 8.05 -4.21 13.61
C LYS A 20 8.39 -4.70 12.22
N GLU A 21 7.40 -5.23 11.48
CA GLU A 21 7.66 -5.89 10.18
C GLU A 21 8.27 -4.89 9.19
N PRO A 22 9.01 -5.38 8.17
CA PRO A 22 9.54 -4.50 7.15
C PRO A 22 8.41 -3.69 6.51
N LEU A 23 8.73 -2.45 6.10
CA LEU A 23 7.82 -1.55 5.35
C LEU A 23 8.42 -1.31 3.97
N TYR A 24 7.97 -2.05 2.96
CA TYR A 24 8.61 -2.10 1.62
C TYR A 24 8.30 -0.83 0.86
N GLU A 25 9.34 -0.33 0.17
CA GLU A 25 9.26 0.80 -0.78
C GLU A 25 8.29 0.40 -1.90
N LYS A 26 7.47 1.34 -2.34
CA LYS A 26 6.51 1.14 -3.47
C LYS A 26 7.29 1.00 -4.77
N ASP A 27 8.48 1.63 -4.86
CA ASP A 27 9.33 1.56 -6.04
C ASP A 27 10.58 0.72 -5.74
N SER A 28 10.84 -0.29 -6.57
CA SER A 28 11.98 -1.22 -6.39
C SER A 28 13.28 -0.68 -7.03
N SER A 29 13.25 0.45 -7.74
CA SER A 29 14.43 1.05 -8.43
C SER A 29 14.17 2.53 -8.73
N VAL A 30 15.23 3.29 -9.02
CA VAL A 30 15.14 4.70 -9.48
C VAL A 30 14.27 4.70 -10.74
N ALA A 31 14.50 3.77 -11.67
CA ALA A 31 13.74 3.81 -12.94
C ALA A 31 12.24 3.60 -12.64
N ALA A 32 11.88 2.65 -11.78
CA ALA A 32 10.47 2.42 -11.41
C ALA A 32 9.93 3.68 -10.74
N ARG A 33 10.74 4.28 -9.87
CA ARG A 33 10.29 5.52 -9.17
C ARG A 33 9.87 6.56 -10.19
N PHE A 34 10.72 6.89 -11.18
CA PHE A 34 10.36 7.99 -12.11
C PHE A 34 9.27 7.52 -13.11
N GLN A 35 9.16 6.22 -13.40
CA GLN A 35 8.05 5.67 -14.24
C GLN A 35 6.71 5.92 -13.53
N ARG A 36 6.63 5.56 -12.25
CA ARG A 36 5.38 5.76 -11.48
C ARG A 36 5.09 7.27 -11.35
N MET A 37 6.12 8.10 -11.18
CA MET A 37 5.88 9.58 -11.03
C MET A 37 5.26 10.12 -12.33
N ARG A 38 5.75 9.64 -13.47
N ARG A 38 5.75 9.65 -13.47
CA ARG A 38 5.22 10.01 -14.81
CA ARG A 38 5.21 10.03 -14.82
C ARG A 38 3.77 9.55 -14.95
C ARG A 38 3.76 9.56 -14.95
N GLU A 39 3.51 8.29 -14.63
CA GLU A 39 2.15 7.68 -14.72
C GLU A 39 1.18 8.50 -13.86
N GLU A 40 1.56 8.76 -12.62
CA GLU A 40 0.61 9.42 -11.68
C GLU A 40 0.47 10.89 -12.08
N PHE A 41 1.52 11.55 -12.58
CA PHE A 41 1.41 12.96 -13.01
C PHE A 41 0.32 13.08 -14.09
N ASP A 42 0.26 12.11 -15.00
CA ASP A 42 -0.75 12.17 -16.09
C ASP A 42 -2.16 11.96 -15.52
N LYS A 43 -2.33 11.22 -14.43
CA LYS A 43 -3.66 10.91 -13.85
C LYS A 43 -4.07 12.02 -12.87
N ILE A 44 -3.19 12.45 -11.96
CA ILE A 44 -3.62 13.29 -10.80
C ILE A 44 -2.73 14.53 -10.65
N GLY A 45 -1.84 14.79 -11.61
CA GLY A 45 -0.94 15.96 -11.58
C GLY A 45 0.16 15.87 -10.53
N MET A 46 0.62 17.03 -10.14
CA MET A 46 1.86 17.17 -9.34
C MET A 46 1.79 16.25 -8.11
N ARG A 47 2.86 15.54 -7.86
CA ARG A 47 3.02 14.79 -6.60
C ARG A 47 3.19 15.76 -5.44
N ARG A 48 2.54 15.44 -4.32
CA ARG A 48 2.59 16.22 -3.07
C ARG A 48 3.16 15.29 -2.03
N THR A 49 4.36 15.61 -1.54
CA THR A 49 5.03 14.84 -0.49
C THR A 49 5.24 15.70 0.76
N VAL A 50 5.23 15.03 1.91
CA VAL A 50 5.41 15.70 3.22
C VAL A 50 6.48 14.92 4.00
N GLU A 51 7.34 15.66 4.68
CA GLU A 51 8.45 15.09 5.47
C GLU A 51 8.43 15.71 6.86
N GLY A 52 8.67 14.90 7.88
CA GLY A 52 8.77 15.34 9.29
C GLY A 52 10.21 15.41 9.77
N VAL A 53 10.56 16.49 10.47
CA VAL A 53 11.86 16.65 11.13
C VAL A 53 11.60 16.50 12.61
N LEU A 54 12.18 15.43 13.14
CA LEU A 54 12.03 15.03 14.55
C LEU A 54 13.40 15.21 15.24
N ILE A 55 13.40 16.04 16.27
CA ILE A 55 14.66 16.44 16.95
C ILE A 55 14.67 15.93 18.38
N VAL A 56 15.89 15.50 18.76
CA VAL A 56 16.20 15.06 20.13
C VAL A 56 17.51 15.75 20.51
N HIS A 57 17.95 15.57 21.76
CA HIS A 57 19.35 15.95 22.06
C HIS A 57 20.03 14.83 22.85
N GLU A 58 21.36 14.87 22.87
N GLU A 58 21.36 14.83 22.87
CA GLU A 58 22.22 14.11 23.82
CA GLU A 58 22.10 14.12 23.94
C GLU A 58 23.18 15.12 24.44
C GLU A 58 23.16 15.08 24.46
N HIS A 59 23.13 15.31 25.76
CA HIS A 59 24.01 16.26 26.49
C HIS A 59 23.98 17.64 25.82
N ARG A 60 22.79 18.07 25.37
CA ARG A 60 22.52 19.41 24.82
C ARG A 60 22.98 19.57 23.36
N LEU A 61 23.27 18.48 22.66
CA LEU A 61 23.72 18.46 21.25
C LEU A 61 22.50 18.03 20.44
N PRO A 62 21.88 18.93 19.63
CA PRO A 62 20.67 18.53 18.88
C PRO A 62 21.05 17.47 17.84
N HIS A 63 20.12 16.51 17.62
CA HIS A 63 20.21 15.45 16.60
C HIS A 63 18.85 15.32 15.87
N VAL A 64 18.91 15.12 14.58
CA VAL A 64 17.71 14.85 13.75
C VAL A 64 17.60 13.33 13.64
N LEU A 65 16.38 12.83 13.80
CA LEU A 65 16.12 11.39 13.56
C LEU A 65 15.98 11.12 12.07
N LEU A 66 16.77 10.21 11.54
CA LEU A 66 16.75 9.81 10.12
C LEU A 66 16.42 8.32 10.05
N LEU A 67 15.78 7.94 8.95
CA LEU A 67 15.54 6.50 8.67
C LEU A 67 16.54 6.05 7.64
N GLN A 68 17.33 5.05 8.00
CA GLN A 68 18.29 4.54 7.02
C GLN A 68 17.73 3.24 6.49
N LEU A 69 17.59 3.17 5.19
CA LEU A 69 17.05 1.95 4.54
C LEU A 69 18.24 0.99 4.49
N GLY A 70 18.24 -0.03 5.38
CA GLY A 70 19.43 -0.87 5.64
C GLY A 70 20.66 -0.01 5.90
N THR A 71 21.68 -0.08 5.06
CA THR A 71 22.89 0.76 5.25
C THR A 71 23.02 1.66 4.01
N THR A 72 21.87 1.93 3.36
CA THR A 72 21.82 2.72 2.10
C THR A 72 21.39 4.17 2.45
N PHE A 73 20.38 4.67 1.75
CA PHE A 73 19.96 6.09 1.73
C PHE A 73 19.33 6.42 3.08
N PHE A 74 19.50 7.69 3.45
CA PHE A 74 18.89 8.29 4.65
C PHE A 74 17.67 9.06 4.20
N LYS A 75 16.60 8.91 4.99
CA LYS A 75 15.26 9.47 4.69
C LYS A 75 14.70 10.20 5.91
N LEU A 76 13.93 11.25 5.67
CA LEU A 76 13.04 11.74 6.70
C LEU A 76 11.78 10.88 6.70
N PRO A 77 11.16 10.68 7.85
CA PRO A 77 9.85 10.02 7.88
C PRO A 77 8.86 10.90 7.10
N GLY A 78 8.05 10.29 6.24
CA GLY A 78 7.11 11.04 5.42
C GLY A 78 6.65 10.26 4.22
N GLY A 79 6.17 10.95 3.21
CA GLY A 79 5.77 10.25 1.99
C GLY A 79 4.74 11.02 1.22
N GLU A 80 3.95 10.30 0.45
CA GLU A 80 3.07 10.92 -0.57
C GLU A 80 1.67 11.15 0.00
N LEU A 81 1.13 12.33 -0.22
CA LEU A 81 -0.30 12.62 0.06
C LEU A 81 -1.16 11.96 -1.01
N ASN A 82 -2.37 11.57 -0.58
CA ASN A 82 -3.44 11.24 -1.54
C ASN A 82 -4.02 12.51 -2.11
N PRO A 83 -4.63 12.47 -3.31
CA PRO A 83 -5.35 13.64 -3.79
C PRO A 83 -6.40 14.14 -2.81
N GLY A 84 -6.44 15.45 -2.62
CA GLY A 84 -7.35 16.12 -1.67
C GLY A 84 -7.05 15.93 -0.17
N GLU A 85 -5.98 15.24 0.17
CA GLU A 85 -5.61 15.03 1.57
C GLU A 85 -4.85 16.24 2.13
N ASP A 86 -5.28 16.71 3.29
CA ASP A 86 -4.62 17.78 4.09
C ASP A 86 -3.17 17.37 4.30
N GLU A 87 -2.28 18.36 4.16
CA GLU A 87 -0.83 18.12 4.37
C GLU A 87 -0.49 17.67 5.80
N VAL A 88 -1.05 18.32 6.81
CA VAL A 88 -0.73 18.00 8.21
C VAL A 88 -1.37 16.66 8.61
N GLU A 89 -2.64 16.43 8.28
CA GLU A 89 -3.26 15.13 8.57
C GLU A 89 -2.46 14.06 7.84
N GLY A 90 -2.02 14.35 6.62
CA GLY A 90 -1.31 13.33 5.86
C GLY A 90 0.05 13.00 6.45
N LEU A 91 0.82 14.01 6.88
CA LEU A 91 2.12 13.72 7.53
C LEU A 91 1.88 12.91 8.82
N LYS A 92 0.84 13.25 9.59
CA LYS A 92 0.52 12.45 10.81
C LYS A 92 0.20 11.00 10.43
N ARG A 93 -0.62 10.81 9.39
CA ARG A 93 -0.90 9.43 8.89
C ARG A 93 0.36 8.68 8.52
N LEU A 94 1.22 9.32 7.71
CA LEU A 94 2.44 8.65 7.27
C LEU A 94 3.40 8.37 8.44
N MET A 95 3.56 9.32 9.35
CA MET A 95 4.48 9.07 10.49
C MET A 95 3.93 7.92 11.33
N THR A 96 2.62 7.78 11.43
CA THR A 96 1.98 6.62 12.15
C THR A 96 2.25 5.30 11.42
N GLU A 97 2.12 5.30 10.09
CA GLU A 97 2.40 4.13 9.23
C GLU A 97 3.86 3.69 9.44
N ILE A 98 4.79 4.64 9.51
CA ILE A 98 6.22 4.29 9.63
C ILE A 98 6.60 3.90 11.06
N LEU A 99 6.32 4.77 12.04
CA LEU A 99 6.88 4.69 13.42
C LEU A 99 5.82 4.30 14.45
N GLY A 100 4.55 4.11 14.03
CA GLY A 100 3.43 3.78 14.94
C GLY A 100 3.64 2.44 15.62
N ARG A 101 3.07 2.25 16.82
CA ARG A 101 3.34 1.05 17.65
C ARG A 101 2.51 -0.18 17.27
N GLN A 102 3.10 -1.35 17.46
CA GLN A 102 2.50 -2.70 17.23
C GLN A 102 1.30 -2.93 18.15
N ASP A 103 1.22 -2.26 19.30
CA ASP A 103 0.07 -2.33 20.23
C ASP A 103 -1.01 -1.33 19.82
N GLY A 104 -0.76 -0.53 18.78
CA GLY A 104 -1.76 0.38 18.18
C GLY A 104 -2.23 1.50 19.10
N VAL A 105 -1.35 1.98 19.99
CA VAL A 105 -1.56 3.17 20.85
C VAL A 105 -1.10 4.37 20.02
N LEU A 106 -1.82 5.47 20.03
CA LEU A 106 -1.46 6.61 19.14
C LEU A 106 -0.33 7.48 19.65
N GLN A 107 0.52 7.92 18.73
CA GLN A 107 1.49 8.96 19.13
C GLN A 107 0.70 10.27 19.14
N ASP A 108 1.16 11.22 19.93
CA ASP A 108 0.44 12.50 19.87
C ASP A 108 1.38 13.35 19.01
N TRP A 109 1.23 13.27 17.69
CA TRP A 109 2.12 14.09 16.82
C TRP A 109 1.69 15.55 16.92
N VAL A 110 2.63 16.44 17.18
CA VAL A 110 2.38 17.90 17.22
C VAL A 110 3.17 18.52 16.08
N ILE A 111 2.47 19.15 15.16
CA ILE A 111 3.07 19.75 13.94
C ILE A 111 2.55 21.18 13.83
N ASP A 112 3.38 22.16 14.13
CA ASP A 112 2.95 23.58 14.16
C ASP A 112 3.86 24.43 13.27
N ASP A 113 4.95 23.89 12.66
CA ASP A 113 5.91 24.76 11.96
C ASP A 113 6.25 24.19 10.58
N CYS A 114 6.18 24.99 9.54
CA CYS A 114 6.75 24.68 8.19
C CYS A 114 8.23 25.03 8.22
N ILE A 115 9.10 24.13 7.80
N ILE A 115 9.07 24.05 7.86
CA ILE A 115 10.52 24.57 7.79
CA ILE A 115 10.52 24.32 7.85
C ILE A 115 11.06 24.66 6.37
C ILE A 115 10.94 24.73 6.44
N GLY A 116 10.32 24.22 5.37
CA GLY A 116 10.68 24.56 3.98
C GLY A 116 9.88 23.89 2.90
N ASN A 117 10.12 24.26 1.66
CA ASN A 117 9.43 23.78 0.46
C ASN A 117 10.50 23.45 -0.59
N TRP A 118 10.38 22.30 -1.24
CA TRP A 118 11.26 21.91 -2.37
C TRP A 118 10.40 21.50 -3.56
N TRP A 119 10.89 21.76 -4.76
CA TRP A 119 10.19 21.50 -6.01
C TRP A 119 11.10 20.72 -6.97
N ARG A 120 10.49 19.76 -7.65
CA ARG A 120 11.16 18.87 -8.61
C ARG A 120 10.64 19.27 -9.97
N PRO A 121 11.44 19.92 -10.84
CA PRO A 121 10.87 20.42 -12.09
C PRO A 121 10.62 19.32 -13.15
N ASN A 122 11.39 18.23 -13.08
CA ASN A 122 11.31 17.16 -14.10
C ASN A 122 11.16 15.81 -13.43
N PHE A 123 11.03 14.76 -14.24
CA PHE A 123 11.00 13.38 -13.72
C PHE A 123 12.45 12.93 -13.58
N GLU A 124 13.22 13.62 -12.74
CA GLU A 124 14.68 13.47 -12.57
C GLU A 124 15.00 13.84 -11.14
N PRO A 125 16.16 13.40 -10.63
CA PRO A 125 16.55 13.65 -9.23
C PRO A 125 16.56 15.10 -8.76
N PRO A 126 16.96 16.12 -9.57
CA PRO A 126 17.15 17.45 -9.00
C PRO A 126 15.91 18.11 -8.37
N GLN A 127 16.13 18.67 -7.17
CA GLN A 127 15.09 19.39 -6.42
C GLN A 127 15.67 20.75 -6.02
N TYR A 128 14.81 21.74 -5.90
CA TYR A 128 15.23 23.14 -5.58
C TYR A 128 14.33 23.73 -4.53
N PRO A 129 14.87 24.64 -3.71
CA PRO A 129 14.03 25.33 -2.72
C PRO A 129 13.18 26.48 -3.30
N TYR A 130 12.85 26.42 -4.59
CA TYR A 130 12.05 27.41 -5.35
C TYR A 130 11.63 26.73 -6.65
N ILE A 131 10.65 27.28 -7.37
CA ILE A 131 10.27 26.76 -8.72
C ILE A 131 11.26 27.35 -9.72
N PRO A 132 12.08 26.54 -10.41
CA PRO A 132 13.07 27.09 -11.33
C PRO A 132 12.43 27.87 -12.49
N ALA A 133 13.26 28.73 -13.08
CA ALA A 133 12.88 29.56 -14.24
C ALA A 133 12.24 28.66 -15.30
N HIS A 134 11.20 29.17 -15.89
CA HIS A 134 10.49 28.61 -17.07
C HIS A 134 9.67 27.37 -16.70
N ILE A 135 9.64 26.96 -15.42
CA ILE A 135 8.92 25.71 -15.05
C ILE A 135 7.51 26.13 -14.64
N THR A 136 6.51 25.68 -15.39
CA THR A 136 5.08 25.97 -15.17
C THR A 136 4.42 24.75 -14.51
N LYS A 137 4.93 23.55 -14.77
CA LYS A 137 4.30 22.30 -14.26
C LYS A 137 5.33 21.50 -13.47
N PRO A 138 5.71 21.91 -12.25
CA PRO A 138 6.62 21.08 -11.45
C PRO A 138 6.00 19.70 -11.23
N LYS A 139 6.84 18.68 -11.20
CA LYS A 139 6.37 17.27 -11.10
C LYS A 139 6.17 16.85 -9.65
N GLU A 140 6.84 17.49 -8.69
CA GLU A 140 6.67 17.17 -7.25
C GLU A 140 6.84 18.44 -6.45
N HIS A 141 6.01 18.60 -5.44
CA HIS A 141 6.17 19.63 -4.37
C HIS A 141 6.34 18.92 -3.04
N LYS A 142 7.47 19.15 -2.38
CA LYS A 142 7.82 18.53 -1.09
C LYS A 142 7.76 19.60 0.01
N LYS A 143 6.99 19.31 1.07
N LYS A 143 7.01 19.30 1.08
CA LYS A 143 6.84 20.23 2.22
CA LYS A 143 6.81 20.19 2.26
C LYS A 143 7.49 19.60 3.47
C LYS A 143 7.53 19.57 3.46
N LEU A 144 8.38 20.32 4.15
CA LEU A 144 9.01 19.86 5.38
C LEU A 144 8.38 20.56 6.59
N PHE A 145 8.09 19.82 7.65
CA PHE A 145 7.52 20.31 8.89
C PHE A 145 8.36 19.87 10.07
N LEU A 146 8.45 20.73 11.07
CA LEU A 146 9.05 20.38 12.35
C LEU A 146 8.02 19.65 13.20
N VAL A 147 8.35 18.46 13.66
CA VAL A 147 7.42 17.65 14.52
C VAL A 147 7.92 17.74 15.96
N GLN A 148 7.17 18.37 16.84
CA GLN A 148 7.49 18.51 18.30
C GLN A 148 7.18 17.17 18.96
N LEU A 149 8.21 16.52 19.47
CA LEU A 149 8.05 15.23 20.18
C LEU A 149 7.60 15.46 21.62
N GLN A 150 6.89 14.47 22.13
CA GLN A 150 6.55 14.44 23.55
C GLN A 150 7.82 14.12 24.34
N GLU A 151 7.76 14.28 25.67
CA GLU A 151 8.90 14.01 26.58
C GLU A 151 9.40 12.57 26.41
N LYS A 152 8.48 11.60 26.30
CA LYS A 152 8.77 10.18 26.10
C LYS A 152 7.86 9.60 25.03
N ALA A 153 8.36 8.63 24.30
CA ALA A 153 7.57 7.90 23.28
C ALA A 153 8.21 6.55 22.99
N LEU A 154 7.39 5.60 22.57
CA LEU A 154 7.84 4.30 22.01
C LEU A 154 7.59 4.37 20.49
N PHE A 155 8.63 4.20 19.71
CA PHE A 155 8.52 4.14 18.23
C PHE A 155 8.86 2.72 17.78
N ALA A 156 8.05 2.19 16.87
CA ALA A 156 8.35 0.86 16.30
C ALA A 156 8.99 1.07 14.93
N VAL A 157 10.25 0.70 14.79
CA VAL A 157 11.00 0.94 13.53
C VAL A 157 10.83 -0.28 12.63
N PRO A 158 10.32 -0.12 11.40
CA PRO A 158 10.28 -1.25 10.49
C PRO A 158 11.66 -1.92 10.46
N LYS A 159 11.68 -3.27 10.49
CA LYS A 159 12.90 -4.11 10.61
C LYS A 159 13.89 -3.83 9.46
N ASN A 160 13.43 -3.35 8.29
CA ASN A 160 14.32 -3.08 7.13
C ASN A 160 14.97 -1.68 7.23
N TYR A 161 14.58 -0.86 8.21
CA TYR A 161 15.17 0.48 8.48
C TYR A 161 15.95 0.47 9.80
N LYS A 162 16.99 1.32 9.93
CA LYS A 162 17.55 1.77 11.23
C LYS A 162 17.09 3.21 11.50
N LEU A 163 16.65 3.53 12.71
CA LEU A 163 16.45 4.93 13.17
C LEU A 163 17.80 5.41 13.68
N VAL A 164 18.33 6.48 13.09
CA VAL A 164 19.67 6.99 13.45
C VAL A 164 19.49 8.42 13.92
N ALA A 165 20.12 8.80 15.00
CA ALA A 165 20.16 10.20 15.47
C ALA A 165 21.42 10.85 14.90
N ALA A 166 21.27 11.78 13.94
CA ALA A 166 22.38 12.49 13.27
C ALA A 166 22.59 13.85 13.93
N PRO A 167 23.81 14.17 14.42
CA PRO A 167 24.09 15.49 14.95
C PRO A 167 24.13 16.50 13.80
N LEU A 168 23.82 17.75 14.09
CA LEU A 168 23.75 18.75 13.00
C LEU A 168 25.08 18.82 12.24
N PHE A 169 26.20 18.78 12.97
CA PHE A 169 27.50 18.98 12.29
C PHE A 169 27.70 17.92 11.20
N GLU A 170 27.16 16.72 11.40
CA GLU A 170 27.35 15.64 10.42
C GLU A 170 26.57 15.92 9.14
N LEU A 171 25.42 16.61 9.28
CA LEU A 171 24.58 16.96 8.12
C LEU A 171 25.17 18.12 7.35
N TYR A 172 25.75 19.08 8.06
CA TYR A 172 26.14 20.38 7.50
C TYR A 172 27.21 20.23 6.41
N ASP A 173 26.96 20.87 5.27
CA ASP A 173 27.77 20.82 4.02
C ASP A 173 28.08 19.37 3.66
N ASN A 174 27.14 18.43 3.86
CA ASN A 174 27.31 16.99 3.50
C ASN A 174 26.21 16.52 2.55
N ALA A 175 25.99 17.23 1.44
CA ALA A 175 25.02 16.83 0.38
C ALA A 175 25.38 15.45 -0.17
N PRO A 176 26.66 15.16 -0.50
CA PRO A 176 27.00 13.81 -0.95
C PRO A 176 26.47 12.73 -0.01
N GLY A 177 26.64 12.89 1.30
CA GLY A 177 26.17 11.90 2.30
C GLY A 177 24.66 11.87 2.41
N TYR A 178 23.98 13.03 2.28
CA TYR A 178 22.58 13.16 2.78
C TYR A 178 21.68 13.78 1.74
N GLY A 179 22.25 14.40 0.71
CA GLY A 179 21.50 15.14 -0.32
C GLY A 179 21.17 16.56 0.11
N PRO A 180 20.54 17.35 -0.76
CA PRO A 180 20.43 18.81 -0.56
C PRO A 180 19.41 19.24 0.49
N ILE A 181 18.44 18.38 0.76
CA ILE A 181 17.36 18.72 1.73
C ILE A 181 17.85 18.46 3.14
N ILE A 182 18.24 17.23 3.43
CA ILE A 182 18.74 16.89 4.78
C ILE A 182 20.01 17.68 5.15
N SER A 183 20.91 17.92 4.20
CA SER A 183 22.17 18.63 4.47
C SER A 183 21.92 20.13 4.76
N SER A 184 20.75 20.66 4.39
CA SER A 184 20.41 22.07 4.70
C SER A 184 19.56 22.15 5.98
N LEU A 185 19.29 21.07 6.67
CA LEU A 185 18.53 21.15 7.94
C LEU A 185 19.26 21.99 8.99
N PRO A 186 20.61 21.97 9.15
CA PRO A 186 21.23 22.81 10.18
C PRO A 186 20.83 24.28 9.98
N GLN A 187 20.94 24.75 8.76
CA GLN A 187 20.56 26.16 8.42
C GLN A 187 19.08 26.38 8.73
N LEU A 188 18.22 25.45 8.29
CA LEU A 188 16.75 25.61 8.43
C LEU A 188 16.33 25.50 9.90
N LEU A 189 17.09 24.86 10.78
CA LEU A 189 16.74 24.71 12.19
C LEU A 189 17.33 25.84 13.04
N SER A 190 18.26 26.61 12.48
CA SER A 190 18.99 27.64 13.27
C SER A 190 18.08 28.71 13.87
N ARG A 191 16.94 28.94 13.25
CA ARG A 191 16.02 30.00 13.75
C ARG A 191 15.33 29.59 15.04
N PHE A 192 15.32 28.32 15.43
CA PHE A 192 14.54 27.86 16.58
C PHE A 192 15.30 28.10 17.87
N ASN A 193 14.56 28.44 18.92
CA ASN A 193 15.09 28.48 20.28
C ASN A 193 14.86 27.12 20.91
N PHE A 194 15.85 26.23 20.85
CA PHE A 194 15.69 24.89 21.44
C PHE A 194 15.94 24.96 22.93
N ILE A 195 15.05 24.32 23.68
CA ILE A 195 15.17 24.12 25.15
C ILE A 195 15.66 22.67 25.35
N TYR A 196 16.75 22.47 26.07
CA TYR A 196 17.38 21.14 26.26
C TYR A 196 16.88 20.61 27.60
N ASN A 197 15.80 19.83 27.59
CA ASN A 197 15.18 19.31 28.84
C ASN A 197 15.89 18.03 29.31
N SER B 1 -22.36 12.99 -15.04
CA SER B 1 -23.59 12.34 -14.48
C SER B 1 -23.62 10.84 -14.84
N MET B 2 -23.06 10.48 -16.00
CA MET B 2 -22.55 9.11 -16.27
C MET B 2 -21.24 8.99 -15.47
N LEU B 3 -21.38 8.49 -14.22
CA LEU B 3 -20.29 8.28 -13.25
C LEU B 3 -19.92 6.79 -13.22
N GLU B 4 -20.34 6.02 -14.24
CA GLU B 4 -20.25 4.53 -14.27
C GLU B 4 -19.12 4.08 -15.20
N ARG B 5 -18.30 3.20 -14.70
CA ARG B 5 -17.24 2.52 -15.43
C ARG B 5 -17.91 1.55 -16.41
N THR B 6 -17.48 1.56 -17.66
CA THR B 6 -18.01 0.65 -18.68
C THR B 6 -17.07 -0.55 -18.78
N ILE B 7 -17.64 -1.76 -18.78
CA ILE B 7 -16.87 -3.02 -18.83
C ILE B 7 -17.42 -3.90 -19.94
N ASN B 8 -16.56 -4.32 -20.88
CA ASN B 8 -16.96 -5.27 -21.93
C ASN B 8 -17.06 -6.68 -21.33
N LEU B 9 -18.18 -7.32 -21.59
CA LEU B 9 -18.38 -8.78 -21.30
C LEU B 9 -18.47 -9.49 -22.64
N TYR B 10 -18.11 -10.75 -22.63
CA TYR B 10 -18.16 -11.59 -23.85
C TYR B 10 -18.83 -12.89 -23.45
N PRO B 11 -19.45 -13.57 -24.42
CA PRO B 11 -20.05 -14.84 -24.16
C PRO B 11 -19.12 -15.87 -23.56
N LEU B 12 -19.71 -16.66 -22.65
CA LEU B 12 -18.97 -17.77 -22.06
C LEU B 12 -18.35 -18.65 -23.14
N THR B 13 -19.06 -18.84 -24.26
CA THR B 13 -18.55 -19.73 -25.33
C THR B 13 -17.40 -19.10 -26.11
N ASN B 14 -17.05 -17.84 -25.86
CA ASN B 14 -15.79 -17.26 -26.43
C ASN B 14 -14.55 -17.84 -25.73
N TYR B 15 -14.71 -18.49 -24.56
CA TYR B 15 -13.57 -18.93 -23.75
C TYR B 15 -13.39 -20.44 -23.84
N THR B 16 -12.15 -20.89 -23.86
CA THR B 16 -11.81 -22.32 -23.91
C THR B 16 -11.24 -22.70 -22.56
N PHE B 17 -11.80 -23.73 -21.94
CA PHE B 17 -11.47 -24.20 -20.57
C PHE B 17 -10.66 -25.50 -20.69
N GLY B 18 -9.34 -25.39 -20.82
CA GLY B 18 -8.40 -26.52 -20.84
C GLY B 18 -8.18 -27.04 -19.43
N THR B 19 -7.36 -28.07 -19.30
CA THR B 19 -7.01 -28.65 -17.98
C THR B 19 -5.50 -28.75 -17.88
N LYS B 20 -5.02 -28.70 -16.64
CA LYS B 20 -3.60 -28.95 -16.31
C LYS B 20 -3.50 -29.68 -14.99
N GLU B 21 -2.27 -29.78 -14.49
CA GLU B 21 -1.96 -30.60 -13.30
C GLU B 21 -2.68 -30.02 -12.08
N PRO B 22 -3.02 -30.88 -11.10
CA PRO B 22 -3.71 -30.42 -9.91
C PRO B 22 -2.83 -29.37 -9.21
N LEU B 23 -3.50 -28.44 -8.53
CA LEU B 23 -2.90 -27.37 -7.69
C LEU B 23 -3.44 -27.56 -6.26
N TYR B 24 -2.55 -27.87 -5.32
CA TYR B 24 -2.93 -28.15 -3.91
C TYR B 24 -2.64 -26.88 -3.09
N GLU B 25 -3.53 -26.58 -2.15
CA GLU B 25 -3.39 -25.49 -1.17
C GLU B 25 -2.19 -25.80 -0.27
N LYS B 26 -1.37 -24.80 0.09
CA LYS B 26 -0.22 -24.92 1.04
C LYS B 26 -0.70 -25.48 2.40
N ASP B 27 -1.94 -25.21 2.80
CA ASP B 27 -2.51 -25.56 4.13
C ASP B 27 -3.44 -26.77 4.02
N SER B 28 -3.23 -27.79 4.86
CA SER B 28 -3.90 -29.12 4.79
C SER B 28 -5.14 -29.19 5.69
N SER B 29 -5.52 -28.11 6.36
CA SER B 29 -6.39 -28.13 7.56
C SER B 29 -6.71 -26.71 8.05
N VAL B 30 -7.92 -26.49 8.57
CA VAL B 30 -8.33 -25.25 9.27
C VAL B 30 -7.27 -24.90 10.32
N ALA B 31 -6.72 -25.91 11.02
CA ALA B 31 -5.73 -25.70 12.11
C ALA B 31 -4.39 -25.27 11.52
N ALA B 32 -3.91 -25.97 10.48
CA ALA B 32 -2.63 -25.68 9.78
C ALA B 32 -2.70 -24.26 9.19
N ARG B 33 -3.90 -23.85 8.76
CA ARG B 33 -4.11 -22.51 8.14
C ARG B 33 -3.81 -21.44 9.20
N PHE B 34 -4.46 -21.50 10.35
CA PHE B 34 -4.36 -20.44 11.39
C PHE B 34 -2.99 -20.53 12.08
N GLN B 35 -2.41 -21.73 12.21
CA GLN B 35 -0.99 -21.90 12.66
C GLN B 35 -0.06 -21.10 11.75
N ARG B 36 -0.16 -21.30 10.43
CA ARG B 36 0.79 -20.66 9.49
C ARG B 36 0.53 -19.14 9.48
N MET B 37 -0.73 -18.73 9.58
CA MET B 37 -1.11 -17.29 9.60
C MET B 37 -0.38 -16.61 10.78
N ARG B 38 -0.39 -17.25 11.96
CA ARG B 38 0.30 -16.75 13.21
C ARG B 38 1.82 -16.65 12.98
N GLU B 39 2.44 -17.73 12.50
CA GLU B 39 3.90 -17.80 12.26
C GLU B 39 4.29 -16.64 11.35
N GLU B 40 3.54 -16.44 10.27
CA GLU B 40 3.90 -15.43 9.26
C GLU B 40 3.62 -14.03 9.81
N PHE B 41 2.52 -13.87 10.56
CA PHE B 41 2.15 -12.57 11.16
C PHE B 41 3.34 -12.04 11.96
N ASP B 42 3.97 -12.90 12.77
CA ASP B 42 5.15 -12.56 13.63
C ASP B 42 6.33 -12.05 12.80
N LYS B 43 6.56 -12.58 11.59
CA LYS B 43 7.75 -12.30 10.73
C LYS B 43 7.49 -11.12 9.76
N ILE B 44 6.33 -11.07 9.09
CA ILE B 44 6.07 -10.05 8.02
C ILE B 44 4.78 -9.26 8.29
N GLY B 45 4.04 -9.57 9.35
CA GLY B 45 2.86 -8.79 9.74
C GLY B 45 1.65 -9.21 8.92
N MET B 46 0.75 -8.29 8.64
CA MET B 46 -0.61 -8.57 8.12
C MET B 46 -0.47 -9.36 6.80
N ARG B 47 -1.15 -10.49 6.69
CA ARG B 47 -1.22 -11.26 5.44
C ARG B 47 -1.95 -10.41 4.40
N ARG B 48 -1.46 -10.38 3.18
CA ARG B 48 -2.08 -9.59 2.10
C ARG B 48 -2.52 -10.56 1.02
N THR B 49 -3.83 -10.69 0.80
N THR B 49 -3.84 -10.66 0.80
CA THR B 49 -4.39 -11.57 -0.27
CA THR B 49 -4.49 -11.57 -0.18
C THR B 49 -5.08 -10.70 -1.32
C THR B 49 -5.10 -10.72 -1.30
N VAL B 50 -5.10 -11.23 -2.53
CA VAL B 50 -5.75 -10.55 -3.67
C VAL B 50 -6.62 -11.60 -4.35
N GLU B 51 -7.78 -11.18 -4.81
CA GLU B 51 -8.68 -12.09 -5.55
C GLU B 51 -9.19 -11.39 -6.81
N GLY B 52 -9.31 -12.14 -7.88
CA GLY B 52 -9.79 -11.58 -9.15
C GLY B 52 -11.20 -12.05 -9.45
N VAL B 53 -11.98 -11.12 -9.94
CA VAL B 53 -13.40 -11.33 -10.31
C VAL B 53 -13.45 -11.21 -11.83
N LEU B 54 -13.67 -12.34 -12.47
CA LEU B 54 -13.71 -12.53 -13.94
C LEU B 54 -15.16 -12.70 -14.33
N ILE B 55 -15.64 -11.90 -15.27
CA ILE B 55 -17.07 -11.85 -15.61
C ILE B 55 -17.23 -12.16 -17.11
N VAL B 56 -18.23 -13.01 -17.37
CA VAL B 56 -18.65 -13.35 -18.76
C VAL B 56 -20.13 -13.08 -18.79
N HIS B 57 -20.73 -13.29 -19.95
CA HIS B 57 -22.20 -13.32 -19.96
C HIS B 57 -22.65 -14.54 -20.71
N GLU B 58 -23.86 -15.01 -20.40
N GLU B 58 -23.86 -14.96 -20.36
CA GLU B 58 -24.55 -15.94 -21.32
CA GLU B 58 -24.68 -15.93 -21.11
C GLU B 58 -26.01 -15.55 -21.24
C GLU B 58 -26.06 -15.28 -21.24
N HIS B 59 -26.59 -15.19 -22.39
N HIS B 59 -26.60 -15.24 -22.45
CA HIS B 59 -27.98 -14.69 -22.52
CA HIS B 59 -27.94 -14.65 -22.74
C HIS B 59 -28.06 -13.24 -22.01
C HIS B 59 -28.05 -13.27 -22.07
N ARG B 60 -26.97 -12.49 -22.13
CA ARG B 60 -26.92 -11.10 -21.61
C ARG B 60 -27.19 -11.08 -20.08
N LEU B 61 -26.85 -12.15 -19.34
CA LEU B 61 -26.81 -12.12 -17.84
C LEU B 61 -25.36 -12.25 -17.40
N PRO B 62 -24.85 -11.37 -16.52
CA PRO B 62 -23.47 -11.48 -16.05
C PRO B 62 -23.30 -12.72 -15.17
N HIS B 63 -22.22 -13.43 -15.39
CA HIS B 63 -21.78 -14.61 -14.63
C HIS B 63 -20.37 -14.39 -14.12
N VAL B 64 -20.12 -14.76 -12.88
CA VAL B 64 -18.75 -14.70 -12.31
C VAL B 64 -18.09 -16.07 -12.42
N LEU B 65 -16.84 -16.13 -12.84
CA LEU B 65 -16.09 -17.39 -12.90
C LEU B 65 -15.61 -17.79 -11.50
N LEU B 66 -16.04 -18.95 -11.01
CA LEU B 66 -15.62 -19.45 -9.70
C LEU B 66 -14.86 -20.76 -9.86
N LEU B 67 -13.88 -21.00 -9.01
CA LEU B 67 -13.22 -22.32 -8.90
C LEU B 67 -14.02 -23.16 -7.91
N GLN B 68 -14.50 -24.32 -8.36
CA GLN B 68 -15.28 -25.26 -7.50
C GLN B 68 -14.39 -26.44 -7.06
N LEU B 69 -14.39 -26.69 -5.76
CA LEU B 69 -13.71 -27.86 -5.12
C LEU B 69 -14.81 -28.73 -4.54
N GLY B 70 -14.90 -29.99 -5.00
CA GLY B 70 -15.94 -30.94 -4.58
C GLY B 70 -17.30 -30.52 -5.10
N THR B 71 -18.33 -30.63 -4.25
CA THR B 71 -19.75 -30.30 -4.59
C THR B 71 -20.05 -28.87 -4.16
N THR B 72 -19.42 -28.43 -3.06
CA THR B 72 -19.93 -27.36 -2.18
C THR B 72 -18.91 -26.22 -1.98
N PHE B 73 -17.65 -26.38 -2.37
CA PHE B 73 -16.60 -25.39 -2.02
C PHE B 73 -16.32 -24.52 -3.25
N PHE B 74 -16.42 -23.19 -3.09
CA PHE B 74 -16.22 -22.18 -4.16
C PHE B 74 -15.18 -21.17 -3.72
N LYS B 75 -14.26 -20.84 -4.65
CA LYS B 75 -13.12 -19.89 -4.47
C LYS B 75 -13.08 -18.91 -5.65
N LEU B 76 -12.69 -17.65 -5.42
CA LEU B 76 -12.17 -16.82 -6.50
C LEU B 76 -10.71 -17.18 -6.76
N PRO B 77 -10.26 -17.05 -8.00
CA PRO B 77 -8.85 -17.17 -8.29
C PRO B 77 -8.09 -16.05 -7.57
N GLY B 78 -6.98 -16.39 -6.93
CA GLY B 78 -6.25 -15.40 -6.13
C GLY B 78 -5.33 -16.11 -5.16
N GLY B 79 -4.86 -15.37 -4.17
CA GLY B 79 -3.88 -15.94 -3.24
C GLY B 79 -3.11 -14.88 -2.49
N GLU B 80 -1.97 -15.30 -1.98
CA GLU B 80 -1.16 -14.53 -1.03
C GLU B 80 -0.11 -13.78 -1.83
N LEU B 81 0.06 -12.49 -1.51
CA LEU B 81 1.14 -11.68 -2.09
C LEU B 81 2.47 -12.00 -1.38
N ASN B 82 3.55 -11.92 -2.12
CA ASN B 82 4.91 -12.07 -1.57
C ASN B 82 5.23 -10.81 -0.78
N PRO B 83 6.16 -10.86 0.19
CA PRO B 83 6.64 -9.66 0.89
C PRO B 83 7.01 -8.52 -0.07
N GLY B 84 6.33 -7.38 0.10
CA GLY B 84 6.58 -6.15 -0.65
C GLY B 84 6.04 -6.16 -2.08
N GLU B 85 5.33 -7.21 -2.47
CA GLU B 85 4.81 -7.33 -3.85
C GLU B 85 3.64 -6.35 -4.11
N ASP B 86 3.64 -5.72 -5.27
CA ASP B 86 2.54 -4.85 -5.75
C ASP B 86 1.27 -5.71 -5.86
N GLU B 87 0.14 -5.17 -5.39
CA GLU B 87 -1.14 -5.94 -5.37
C GLU B 87 -1.49 -6.36 -6.82
N VAL B 88 -1.52 -5.44 -7.77
CA VAL B 88 -1.96 -5.72 -9.15
C VAL B 88 -0.97 -6.69 -9.80
N GLU B 89 0.33 -6.44 -9.68
CA GLU B 89 1.31 -7.38 -10.30
C GLU B 89 1.21 -8.77 -9.66
N GLY B 90 0.99 -8.83 -8.35
CA GLY B 90 0.81 -10.10 -7.62
C GLY B 90 -0.46 -10.82 -8.06
N LEU B 91 -1.56 -10.10 -8.18
CA LEU B 91 -2.76 -10.78 -8.72
C LEU B 91 -2.48 -11.32 -10.14
N LYS B 92 -1.84 -10.57 -11.03
CA LYS B 92 -1.51 -11.10 -12.40
C LYS B 92 -0.65 -12.37 -12.25
N ARG B 93 0.33 -12.37 -11.36
CA ARG B 93 1.15 -13.59 -11.14
C ARG B 93 0.26 -14.77 -10.72
N LEU B 94 -0.62 -14.57 -9.75
CA LEU B 94 -1.47 -15.64 -9.19
C LEU B 94 -2.47 -16.14 -10.24
N MET B 95 -3.07 -15.22 -11.02
N MET B 95 -2.99 -15.25 -11.07
CA MET B 95 -4.00 -15.61 -12.10
CA MET B 95 -3.99 -15.60 -12.11
C MET B 95 -3.29 -16.55 -13.07
C MET B 95 -3.34 -16.43 -13.21
N THR B 96 -2.08 -16.17 -13.50
CA THR B 96 -1.26 -16.95 -14.48
C THR B 96 -0.96 -18.31 -13.84
N GLU B 97 -0.54 -18.34 -12.58
CA GLU B 97 -0.28 -19.62 -11.86
C GLU B 97 -1.53 -20.51 -11.98
N ILE B 98 -2.69 -19.97 -11.64
CA ILE B 98 -3.92 -20.80 -11.50
C ILE B 98 -4.50 -21.15 -12.86
N LEU B 99 -4.62 -20.19 -13.80
CA LEU B 99 -5.39 -20.39 -15.06
C LEU B 99 -4.51 -20.26 -16.30
N GLY B 100 -3.24 -19.91 -16.17
CA GLY B 100 -2.33 -19.74 -17.31
C GLY B 100 -1.96 -21.09 -17.91
N ARG B 101 -2.05 -21.18 -19.23
CA ARG B 101 -1.63 -22.35 -20.05
C ARG B 101 -0.12 -22.52 -19.85
N GLN B 102 0.32 -23.75 -19.60
CA GLN B 102 1.71 -24.08 -19.19
C GLN B 102 2.40 -24.86 -20.32
N ASP B 103 3.10 -24.17 -21.23
CA ASP B 103 3.03 -22.73 -21.44
C ASP B 103 2.99 -22.52 -22.95
N GLY B 104 2.55 -21.35 -23.45
CA GLY B 104 2.24 -20.15 -22.69
C GLY B 104 2.37 -18.91 -23.57
N VAL B 105 1.47 -17.92 -23.42
CA VAL B 105 1.38 -16.72 -24.31
C VAL B 105 2.46 -15.69 -23.97
N LEU B 106 2.34 -14.93 -22.87
CA LEU B 106 1.43 -15.18 -21.76
C LEU B 106 0.15 -14.34 -21.91
N GLN B 107 -0.88 -14.70 -21.14
CA GLN B 107 -2.13 -13.93 -20.99
C GLN B 107 -1.77 -12.59 -20.32
N ASP B 108 -2.14 -11.47 -20.95
CA ASP B 108 -1.99 -10.13 -20.32
C ASP B 108 -3.33 -9.78 -19.65
N TRP B 109 -3.40 -9.97 -18.34
CA TRP B 109 -4.59 -9.64 -17.51
C TRP B 109 -4.74 -8.12 -17.43
N VAL B 110 -5.92 -7.61 -17.66
CA VAL B 110 -6.23 -6.17 -17.48
C VAL B 110 -6.93 -6.02 -16.14
N ILE B 111 -6.28 -5.30 -15.20
CA ILE B 111 -6.77 -5.12 -13.80
C ILE B 111 -6.72 -3.63 -13.48
N ASP B 112 -7.84 -2.95 -13.63
CA ASP B 112 -7.93 -1.47 -13.44
C ASP B 112 -8.96 -1.07 -12.37
N ASP B 113 -9.64 -2.00 -11.68
CA ASP B 113 -10.73 -1.57 -10.79
C ASP B 113 -10.66 -2.33 -9.46
N CYS B 114 -10.62 -1.64 -8.33
CA CYS B 114 -10.82 -2.23 -6.99
C CYS B 114 -12.32 -2.39 -6.75
N ILE B 115 -12.80 -3.60 -6.45
CA ILE B 115 -14.21 -3.99 -6.17
C ILE B 115 -14.48 -3.79 -4.67
N GLY B 116 -13.51 -4.13 -3.80
CA GLY B 116 -13.79 -4.16 -2.36
C GLY B 116 -12.63 -4.68 -1.56
N ASN B 117 -12.80 -4.63 -0.24
CA ASN B 117 -11.76 -4.99 0.74
C ASN B 117 -12.44 -5.74 1.89
N TRP B 118 -11.76 -6.79 2.35
CA TRP B 118 -12.18 -7.56 3.54
C TRP B 118 -11.00 -7.71 4.49
N TRP B 119 -11.33 -7.65 5.77
CA TRP B 119 -10.33 -7.70 6.87
C TRP B 119 -10.68 -8.80 7.88
N ARG B 120 -9.64 -9.46 8.32
CA ARG B 120 -9.74 -10.58 9.31
C ARG B 120 -9.12 -10.07 10.60
N PRO B 121 -9.96 -9.82 11.64
CA PRO B 121 -9.43 -9.21 12.85
C PRO B 121 -8.60 -10.20 13.70
N ASN B 122 -8.95 -11.48 13.66
CA ASN B 122 -8.33 -12.53 14.55
C ASN B 122 -7.76 -13.67 13.70
N PHE B 123 -7.01 -14.59 14.32
CA PHE B 123 -6.58 -15.84 13.65
C PHE B 123 -7.78 -16.80 13.75
N GLU B 124 -8.91 -16.42 13.12
CA GLU B 124 -10.22 -17.11 13.18
C GLU B 124 -10.91 -16.87 11.84
N PRO B 125 -11.91 -17.68 11.46
CA PRO B 125 -12.57 -17.53 10.16
C PRO B 125 -13.19 -16.17 9.84
N PRO B 126 -13.82 -15.44 10.78
CA PRO B 126 -14.60 -14.26 10.42
C PRO B 126 -13.80 -13.18 9.69
N GLN B 127 -14.41 -12.74 8.59
CA GLN B 127 -13.89 -11.58 7.81
C GLN B 127 -15.01 -10.56 7.67
N TYR B 128 -14.61 -9.29 7.62
CA TYR B 128 -15.55 -8.16 7.60
C TYR B 128 -15.19 -7.15 6.50
N PRO B 129 -16.19 -6.49 5.89
CA PRO B 129 -15.89 -5.54 4.81
C PRO B 129 -15.59 -4.14 5.35
N TYR B 130 -14.99 -4.10 6.53
CA TYR B 130 -14.68 -2.87 7.27
C TYR B 130 -13.60 -3.28 8.28
N ILE B 131 -12.85 -2.33 8.80
CA ILE B 131 -11.89 -2.59 9.90
C ILE B 131 -12.66 -2.46 11.21
N PRO B 132 -12.85 -3.53 12.02
CA PRO B 132 -13.71 -3.40 13.18
C PRO B 132 -13.10 -2.47 14.23
N ALA B 133 -13.96 -2.01 15.09
CA ALA B 133 -13.62 -1.05 16.18
C ALA B 133 -12.44 -1.58 16.99
N HIS B 134 -11.42 -0.77 17.21
CA HIS B 134 -10.24 -1.06 18.08
C HIS B 134 -9.36 -2.20 17.54
N ILE B 135 -9.55 -2.58 16.28
CA ILE B 135 -8.67 -3.61 15.64
C ILE B 135 -7.56 -2.85 14.91
N THR B 136 -6.45 -2.64 15.60
CA THR B 136 -5.39 -1.77 15.07
C THR B 136 -4.47 -2.63 14.22
N LYS B 137 -4.43 -3.93 14.49
CA LYS B 137 -3.53 -4.88 13.79
C LYS B 137 -4.36 -6.00 13.18
N PRO B 138 -5.10 -5.82 12.07
CA PRO B 138 -5.80 -6.97 11.49
C PRO B 138 -4.79 -8.05 11.03
N LYS B 139 -5.22 -9.34 11.02
CA LYS B 139 -4.31 -10.45 10.67
C LYS B 139 -4.24 -10.68 9.15
N GLU B 140 -5.27 -10.26 8.42
CA GLU B 140 -5.28 -10.41 6.95
C GLU B 140 -6.07 -9.24 6.36
N HIS B 141 -5.57 -8.74 5.23
CA HIS B 141 -6.27 -7.78 4.34
C HIS B 141 -6.41 -8.44 2.97
N LYS B 142 -7.67 -8.60 2.54
CA LYS B 142 -8.00 -9.23 1.24
C LYS B 142 -8.55 -8.13 0.32
N LYS B 143 -7.95 -7.98 -0.84
CA LYS B 143 -8.41 -7.00 -1.85
C LYS B 143 -9.04 -7.70 -3.05
N LEU B 144 -10.21 -7.22 -3.48
CA LEU B 144 -10.92 -7.79 -4.64
C LEU B 144 -10.72 -6.83 -5.82
N PHE B 145 -10.40 -7.38 -6.98
CA PHE B 145 -10.24 -6.61 -8.23
C PHE B 145 -11.12 -7.18 -9.33
N LEU B 146 -11.63 -6.31 -10.19
CA LEU B 146 -12.34 -6.71 -11.45
C LEU B 146 -11.29 -6.94 -12.53
N VAL B 147 -11.23 -8.16 -13.05
CA VAL B 147 -10.24 -8.53 -14.11
C VAL B 147 -11.01 -8.53 -15.42
N GLN B 148 -10.71 -7.59 -16.31
CA GLN B 148 -11.36 -7.46 -17.64
C GLN B 148 -10.77 -8.50 -18.59
N LEU B 149 -11.62 -9.32 -19.17
CA LEU B 149 -11.17 -10.38 -20.08
C LEU B 149 -11.09 -9.86 -21.50
N GLN B 150 -10.19 -10.45 -22.25
CA GLN B 150 -10.13 -10.21 -23.71
C GLN B 150 -11.35 -10.87 -24.34
N GLU B 151 -11.66 -10.51 -25.56
CA GLU B 151 -12.79 -11.12 -26.30
C GLU B 151 -12.70 -12.66 -26.31
N LYS B 152 -11.52 -13.23 -26.52
CA LYS B 152 -11.30 -14.70 -26.50
C LYS B 152 -10.11 -15.01 -25.64
N ALA B 153 -10.19 -16.11 -24.88
CA ALA B 153 -9.05 -16.59 -24.10
C ALA B 153 -9.12 -18.11 -23.92
N LEU B 154 -7.95 -18.72 -23.74
CA LEU B 154 -7.81 -20.14 -23.32
C LEU B 154 -7.41 -20.12 -21.85
N PHE B 155 -8.18 -20.78 -20.98
CA PHE B 155 -7.82 -20.99 -19.55
C PHE B 155 -7.40 -22.44 -19.35
N ALA B 156 -6.34 -22.68 -18.59
CA ALA B 156 -5.88 -24.05 -18.19
C ALA B 156 -6.26 -24.24 -16.74
N VAL B 157 -7.30 -25.00 -16.44
CA VAL B 157 -7.84 -25.15 -15.08
C VAL B 157 -7.18 -26.35 -14.43
N PRO B 158 -6.62 -26.21 -13.23
CA PRO B 158 -6.04 -27.36 -12.51
C PRO B 158 -7.09 -28.46 -12.34
N LYS B 159 -6.65 -29.71 -12.58
CA LYS B 159 -7.52 -30.90 -12.73
C LYS B 159 -8.47 -31.07 -11.54
N ASN B 160 -8.03 -30.67 -10.35
CA ASN B 160 -8.77 -30.90 -9.08
C ASN B 160 -9.83 -29.82 -8.89
N TYR B 161 -9.86 -28.82 -9.76
CA TYR B 161 -10.91 -27.79 -9.74
C TYR B 161 -11.76 -27.89 -11.00
N LYS B 162 -13.00 -27.38 -10.93
CA LYS B 162 -13.82 -27.04 -12.11
C LYS B 162 -13.98 -25.51 -12.09
N LEU B 163 -13.80 -24.84 -13.23
CA LEU B 163 -14.23 -23.44 -13.38
C LEU B 163 -15.73 -23.46 -13.68
N VAL B 164 -16.53 -22.73 -12.92
CA VAL B 164 -17.99 -22.63 -13.15
C VAL B 164 -18.34 -21.18 -13.39
N ALA B 165 -19.26 -20.95 -14.30
CA ALA B 165 -19.80 -19.61 -14.58
C ALA B 165 -21.09 -19.44 -13.77
N ALA B 166 -21.04 -18.70 -12.66
CA ALA B 166 -22.16 -18.58 -11.71
C ALA B 166 -22.94 -17.30 -12.01
N PRO B 167 -24.24 -17.33 -12.33
CA PRO B 167 -24.99 -16.11 -12.57
C PRO B 167 -25.12 -15.31 -11.27
N LEU B 168 -25.21 -13.99 -11.39
CA LEU B 168 -25.29 -13.14 -10.19
C LEU B 168 -26.50 -13.53 -9.34
N PHE B 169 -27.63 -13.88 -9.93
CA PHE B 169 -28.84 -14.15 -9.13
C PHE B 169 -28.58 -15.32 -8.22
N GLU B 170 -27.76 -16.30 -8.60
CA GLU B 170 -27.46 -17.48 -7.78
C GLU B 170 -26.61 -17.05 -6.59
N LEU B 171 -25.67 -16.13 -6.77
CA LEU B 171 -24.76 -15.72 -5.69
C LEU B 171 -25.57 -14.96 -4.66
N TYR B 172 -26.48 -14.10 -5.09
CA TYR B 172 -27.31 -13.27 -4.19
C TYR B 172 -28.40 -14.15 -3.59
N ASP B 173 -28.79 -13.90 -2.37
CA ASP B 173 -27.98 -13.58 -1.23
C ASP B 173 -27.97 -14.93 -0.48
N ASN B 174 -26.83 -15.57 -0.62
CA ASN B 174 -26.72 -17.04 -0.62
C ASN B 174 -25.34 -17.25 0.00
N ALA B 175 -25.10 -16.50 1.07
CA ALA B 175 -23.88 -16.62 1.88
C ALA B 175 -23.82 -18.04 2.38
N PRO B 176 -24.97 -18.71 2.65
CA PRO B 176 -24.92 -20.06 3.18
C PRO B 176 -24.14 -20.80 2.08
N GLY B 177 -24.55 -20.61 0.83
CA GLY B 177 -23.97 -21.35 -0.31
C GLY B 177 -22.56 -20.90 -0.68
N TYR B 178 -22.29 -19.59 -0.67
CA TYR B 178 -21.09 -19.01 -1.33
C TYR B 178 -20.19 -18.28 -0.34
N GLY B 179 -20.71 -18.01 0.87
CA GLY B 179 -19.95 -17.27 1.88
C GLY B 179 -20.09 -15.77 1.65
N PRO B 180 -19.74 -14.94 2.64
CA PRO B 180 -20.04 -13.51 2.61
C PRO B 180 -19.37 -12.72 1.50
N ILE B 181 -18.19 -13.13 1.09
CA ILE B 181 -17.43 -12.44 0.04
C ILE B 181 -18.05 -12.70 -1.35
N ILE B 182 -18.16 -13.96 -1.72
CA ILE B 182 -18.67 -14.25 -3.08
C ILE B 182 -20.14 -13.85 -3.16
N SER B 183 -20.95 -14.03 -2.11
CA SER B 183 -22.39 -13.72 -2.18
C SER B 183 -22.69 -12.22 -2.25
N SER B 184 -21.72 -11.34 -1.93
CA SER B 184 -21.93 -9.89 -2.04
C SER B 184 -21.30 -9.35 -3.34
N LEU B 185 -20.79 -10.24 -4.21
CA LEU B 185 -20.33 -9.73 -5.51
C LEU B 185 -21.43 -9.09 -6.32
N PRO B 186 -22.69 -9.55 -6.36
CA PRO B 186 -23.72 -8.86 -7.14
C PRO B 186 -23.79 -7.37 -6.72
N GLN B 187 -23.85 -7.06 -5.42
CA GLN B 187 -23.89 -5.67 -4.96
C GLN B 187 -22.64 -4.95 -5.46
N LEU B 188 -21.48 -5.54 -5.32
CA LEU B 188 -20.19 -4.88 -5.61
C LEU B 188 -20.11 -4.65 -7.13
N LEU B 189 -20.75 -5.46 -7.94
CA LEU B 189 -20.64 -5.29 -9.40
C LEU B 189 -21.76 -4.43 -9.94
N SER B 190 -22.76 -4.03 -9.15
CA SER B 190 -23.96 -3.35 -9.63
C SER B 190 -23.64 -1.97 -10.20
N ARG B 191 -22.59 -1.32 -9.75
CA ARG B 191 -22.21 0.02 -10.24
C ARG B 191 -21.70 -0.04 -11.67
N PHE B 192 -21.32 -1.20 -12.19
CA PHE B 192 -20.65 -1.23 -13.53
C PHE B 192 -21.69 -1.21 -14.66
N ASN B 193 -21.34 -0.50 -15.74
CA ASN B 193 -22.13 -0.46 -16.99
C ASN B 193 -21.57 -1.59 -17.86
N PHE B 194 -22.15 -2.75 -17.81
CA PHE B 194 -21.73 -3.92 -18.59
C PHE B 194 -22.23 -3.78 -20.04
N ILE B 195 -21.32 -4.04 -20.96
CA ILE B 195 -21.60 -4.16 -22.41
C ILE B 195 -21.67 -5.65 -22.74
N TYR B 196 -22.76 -6.09 -23.34
CA TYR B 196 -22.96 -7.52 -23.67
C TYR B 196 -22.57 -7.69 -25.14
N ASN B 197 -21.33 -8.11 -25.38
CA ASN B 197 -20.79 -8.31 -26.74
C ASN B 197 -21.19 -9.68 -27.31
ZN ZN C . 3.95 23.72 -5.56
ZN ZN D . 24.28 15.98 29.74
C ACT E . 18.83 31.64 19.76
O ACT E . 18.54 30.66 19.01
OXT ACT E . 18.12 31.99 20.75
CH3 ACT E . 20.08 32.46 19.47
C ACT F . 30.60 17.57 6.09
O ACT F . 30.11 17.15 5.01
OXT ACT F . 30.07 17.39 7.22
CH3 ACT F . 31.92 18.35 6.00
N1 RWA G . 7.54 3.80 3.10
N3 RWA G . 5.17 6.52 0.83
C4 RWA G . 5.03 4.31 0.19
C5 RWA G . 4.24 5.38 0.94
C6 RWA G . 2.84 5.49 0.30
C7 RWA G . 4.20 4.95 2.43
C8 RWA G . 5.57 4.76 2.92
C10 RWA G . 8.76 5.54 4.36
C13 RWA G . 10.98 6.55 5.61
C15 RWA G . 9.49 4.70 5.20
N RWA G . 7.59 5.03 3.74
C RWA G . 6.22 6.31 -0.05
O RWA G . 7.20 7.03 -0.19
C1 RWA G . 5.99 5.00 -0.73
C11 RWA G . 9.13 6.86 4.10
C12 RWA G . 10.23 7.37 4.76
C14 RWA G . 10.60 5.22 5.84
C2 RWA G . 7.27 4.21 -0.90
C3 RWA G . 5.30 5.38 -2.04
C9 RWA G . 6.34 5.65 3.65
N2 RWA G . 6.37 3.65 2.62
O1 RWA G . 4.91 3.14 0.34
ZN ZN H . -26.15 -19.03 -17.03
ZN ZN I . -14.72 2.05 21.22
ZN ZN J . -9.29 2.82 23.14
ZN ZN K . -6.13 -2.87 6.24
C ACT L . -31.73 -15.22 -5.82
O ACT L . -32.33 -15.52 -6.88
OXT ACT L . -31.18 -16.02 -5.02
CH3 ACT L . -31.63 -13.78 -5.51
N1 RWA M . -3.68 -22.52 -5.05
N3 RWA M . -1.00 -18.65 -3.03
C4 RWA M . -1.38 -20.84 -2.22
C5 RWA M . -0.52 -20.01 -3.24
C6 RWA M . 0.97 -20.10 -2.85
C7 RWA M . -0.77 -20.48 -4.72
C8 RWA M . -2.11 -21.02 -4.98
C10 RWA M . -5.64 -21.18 -5.63
C13 RWA M . -8.35 -20.97 -6.09
C15 RWA M . -6.34 -20.12 -5.09
N RWA M . -4.25 -21.32 -5.36
C RWA M . -1.92 -18.56 -2.01
O RWA M . -2.38 -17.54 -1.64
C1 RWA M . -2.24 -19.89 -1.40
C11 RWA M . -6.26 -22.15 -6.42
C12 RWA M . -7.62 -22.05 -6.63
C14 RWA M . -7.70 -20.01 -5.32
C2 RWA M . -1.78 -19.82 0.04
C3 RWA M . -3.74 -20.18 -1.54
C9 RWA M . -3.26 -20.33 -5.34
N2 RWA M . -2.44 -22.35 -4.84
O1 RWA M . -1.38 -22.01 -2.09
#